data_7EP0
#
_entry.id   7EP0
#
_cell.length_a   131.495
_cell.length_b   131.495
_cell.length_c   87.030
_cell.angle_alpha   90.000
_cell.angle_beta   90.000
_cell.angle_gamma   90.000
#
_symmetry.space_group_name_H-M   'P 43 21 2'
#
loop_
_entity.id
_entity.type
_entity.pdbx_description
1 polymer 'Protein zyg-11 homolog B'
2 non-polymer "sodium 3,3'-(1E,1'E)-biphenyl-4,4'-diylbis(diazene-2,1-diyl)bis(4-aminonaphthalene-1-sulfonate)"
3 water water
#
_entity_poly.entity_id   1
_entity_poly.type   'polypeptide(L)'
_entity_poly.pdbx_seq_one_letter_code
;GSTEQTAQLGTELFIVRQLLQIVKQKTNQNSVDTTLKFTLSALWNLTDESPTTCRHFIENQGLELF(MSE)RVLESFPTE
SSIQQKVLGLLNNIAEVQELHSEL(MSE)WKDFIDHISSLLHSVEVEVSYFAAGIIAHLISRGEQAWTLSRSQRNSLLDD
LHSAILKWPTPECE(MSE)VAYRSFNPFFPLLGCFTTPGVQLWAVWA(MSE)QHVCSKNPSRYCS(MSE)LIEEGGLQHL
YNIKDHEHTDPHVQQIAVAILDSLEKHIVR
;
_entity_poly.pdbx_strand_id   A,B
#
# COMPACT_ATOMS: atom_id res chain seq x y z
N GLY A 1 -2.34 -4.68 -9.87
CA GLY A 1 -1.00 -4.16 -10.17
C GLY A 1 -0.91 -2.68 -9.86
N SER A 2 0.31 -2.17 -9.76
CA SER A 2 0.57 -0.78 -9.48
C SER A 2 1.81 -0.38 -10.28
N THR A 3 2.18 0.90 -10.25
CA THR A 3 3.45 1.30 -10.86
C THR A 3 4.60 0.64 -10.13
N GLU A 4 5.71 0.45 -10.83
CA GLU A 4 6.87 -0.15 -10.21
C GLU A 4 7.47 0.81 -9.18
N GLN A 5 8.27 0.24 -8.28
CA GLN A 5 8.72 0.96 -7.09
C GLN A 5 9.57 2.19 -7.44
N THR A 6 10.47 2.07 -8.42
CA THR A 6 11.27 3.23 -8.83
C THR A 6 10.37 4.38 -9.30
N ALA A 7 9.29 4.07 -10.01
CA ALA A 7 8.39 5.15 -10.44
C ALA A 7 7.68 5.76 -9.23
N GLN A 8 7.22 4.91 -8.32
CA GLN A 8 6.58 5.37 -7.10
C GLN A 8 7.51 6.30 -6.31
N LEU A 9 8.78 5.90 -6.16
CA LEU A 9 9.74 6.76 -5.48
C LEU A 9 9.94 8.06 -6.24
N GLY A 10 9.82 8.01 -7.57
CA GLY A 10 9.96 9.24 -8.35
C GLY A 10 8.97 10.31 -7.97
N THR A 11 7.73 9.92 -7.66
CA THR A 11 6.64 10.87 -7.51
C THR A 11 6.42 11.34 -6.07
N GLU A 12 7.06 10.71 -5.07
CA GLU A 12 6.79 11.00 -3.67
C GLU A 12 6.94 12.49 -3.34
N LEU A 13 8.04 13.10 -3.78
CA LEU A 13 8.29 14.50 -3.44
C LEU A 13 7.18 15.41 -4.00
N PHE A 14 6.76 15.17 -5.24
CA PHE A 14 5.69 16.00 -5.78
C PHE A 14 4.41 15.83 -5.00
N ILE A 15 4.11 14.59 -4.60
CA ILE A 15 2.84 14.36 -3.91
C ILE A 15 2.90 14.96 -2.53
N VAL A 16 4.05 14.82 -1.86
CA VAL A 16 4.24 15.43 -0.55
C VAL A 16 4.05 16.94 -0.63
N ARG A 17 4.66 17.57 -1.63
CA ARG A 17 4.54 19.03 -1.76
C ARG A 17 3.11 19.43 -2.07
N GLN A 18 2.43 18.71 -2.97
CA GLN A 18 1.07 19.12 -3.30
C GLN A 18 0.17 18.99 -2.08
N LEU A 19 0.28 17.88 -1.35
CA LEU A 19 -0.56 17.69 -0.16
C LEU A 19 -0.24 18.73 0.92
N LEU A 20 1.04 19.01 1.16
CA LEU A 20 1.38 20.04 2.15
C LEU A 20 0.85 21.41 1.74
N GLN A 21 0.89 21.69 0.43
CA GLN A 21 0.35 22.96 -0.04
C GLN A 21 -1.12 23.08 0.31
N ILE A 22 -1.89 22.00 0.11
CA ILE A 22 -3.31 22.02 0.46
C ILE A 22 -3.50 22.22 1.96
N VAL A 23 -2.72 21.49 2.76
CA VAL A 23 -2.79 21.65 4.20
C VAL A 23 -2.49 23.10 4.59
N LYS A 24 -1.46 23.69 3.99
CA LYS A 24 -1.08 25.06 4.35
C LYS A 24 -2.19 26.06 4.02
N GLN A 25 -2.80 25.92 2.84
CA GLN A 25 -3.90 26.80 2.44
C GLN A 25 -5.08 26.68 3.39
N LYS A 26 -5.49 25.45 3.69
CA LYS A 26 -6.60 25.26 4.61
C LYS A 26 -6.29 25.83 5.99
N THR A 27 -5.05 25.69 6.46
CA THR A 27 -4.73 26.20 7.79
C THR A 27 -4.81 27.72 7.81
N ASN A 28 -4.26 28.38 6.79
CA ASN A 28 -4.34 29.83 6.70
C ASN A 28 -5.77 30.33 6.65
N GLN A 29 -6.64 29.62 5.95
CA GLN A 29 -8.04 29.99 5.91
C GLN A 29 -8.81 29.46 7.10
N ASN A 30 -8.14 28.79 8.04
CA ASN A 30 -8.81 28.19 9.20
C ASN A 30 -9.98 27.30 8.78
N SER A 31 -9.85 26.63 7.63
CA SER A 31 -10.90 25.79 7.07
C SER A 31 -10.71 24.35 7.56
N VAL A 32 -11.50 23.95 8.55
CA VAL A 32 -11.53 22.58 9.03
C VAL A 32 -12.68 21.87 8.32
N ASP A 33 -12.36 21.03 7.33
CA ASP A 33 -13.40 20.43 6.51
C ASP A 33 -12.92 19.07 5.99
N THR A 34 -13.75 18.48 5.13
CA THR A 34 -13.52 17.10 4.67
C THR A 34 -12.24 17.01 3.86
N THR A 35 -11.98 18.00 3.01
CA THR A 35 -10.79 17.93 2.18
C THR A 35 -9.52 17.97 3.04
N LEU A 36 -9.55 18.70 4.15
CA LEU A 36 -8.38 18.75 5.02
C LEU A 36 -8.17 17.41 5.72
N LYS A 37 -9.23 16.85 6.32
CA LYS A 37 -9.15 15.55 6.98
C LYS A 37 -8.64 14.47 6.02
N PHE A 38 -9.17 14.41 4.80
CA PHE A 38 -8.74 13.38 3.87
C PHE A 38 -7.36 13.66 3.29
N THR A 39 -6.96 14.92 3.20
CA THR A 39 -5.60 15.24 2.77
C THR A 39 -4.58 14.87 3.85
N LEU A 40 -4.94 15.08 5.11
CA LEU A 40 -4.05 14.69 6.20
C LEU A 40 -3.94 13.18 6.30
N SER A 41 -5.03 12.45 6.05
CA SER A 41 -4.99 10.99 6.05
C SER A 41 -4.09 10.46 4.96
N ALA A 42 -4.21 11.06 3.78
CA ALA A 42 -3.40 10.66 2.63
C ALA A 42 -1.92 10.86 2.90
N LEU A 43 -1.58 12.01 3.49
CA LEU A 43 -0.19 12.32 3.81
C LEU A 43 0.38 11.34 4.82
N TRP A 44 -0.35 11.12 5.91
CA TRP A 44 -0.02 10.10 6.89
C TRP A 44 0.22 8.76 6.23
N ASN A 45 -0.72 8.33 5.38
CA ASN A 45 -0.61 7.02 4.74
C ASN A 45 0.58 6.96 3.81
N LEU A 46 0.93 8.07 3.17
CA LEU A 46 2.12 8.09 2.32
C LEU A 46 3.40 7.88 3.11
N THR A 47 3.45 8.29 4.37
CA THR A 47 4.69 8.14 5.14
C THR A 47 4.81 6.77 5.78
N ASP A 48 3.80 5.90 5.64
CA ASP A 48 3.81 4.58 6.25
C ASP A 48 5.01 3.76 5.78
N GLU A 49 5.93 3.46 6.70
CA GLU A 49 7.15 2.69 6.40
C GLU A 49 7.93 3.29 5.24
N SER A 50 7.93 4.61 5.10
CA SER A 50 8.65 5.24 4.00
C SER A 50 9.59 6.30 4.57
N PRO A 51 10.82 5.91 4.92
CA PRO A 51 11.81 6.92 5.31
C PRO A 51 12.02 7.98 4.26
N THR A 52 11.95 7.65 2.97
CA THR A 52 12.11 8.68 1.95
C THR A 52 11.01 9.73 2.05
N THR A 53 9.74 9.31 2.18
CA THR A 53 8.66 10.29 2.30
C THR A 53 8.83 11.14 3.56
N CYS A 54 9.21 10.49 4.67
CA CYS A 54 9.41 11.24 5.90
C CYS A 54 10.48 12.30 5.71
N ARG A 55 11.51 12.00 4.94
CA ARG A 55 12.56 12.98 4.69
C ARG A 55 12.04 14.14 3.82
N HIS A 56 11.28 13.82 2.76
CA HIS A 56 10.70 14.90 1.94
C HIS A 56 9.80 15.79 2.78
N PHE A 57 9.02 15.19 3.68
CA PHE A 57 8.16 15.97 4.55
C PHE A 57 8.98 16.93 5.40
N ILE A 58 10.05 16.43 6.02
CA ILE A 58 10.91 17.28 6.85
C ILE A 58 11.55 18.38 6.02
N GLU A 59 12.04 18.03 4.83
CA GLU A 59 12.78 18.97 4.01
C GLU A 59 11.90 20.07 3.43
N ASN A 60 10.58 19.91 3.49
CA ASN A 60 9.68 20.81 2.82
C ASN A 60 8.77 21.47 3.82
N GLN A 61 9.34 21.80 4.98
CA GLN A 61 8.65 22.55 6.02
C GLN A 61 7.48 21.79 6.64
N GLY A 62 7.41 20.47 6.50
CA GLY A 62 6.31 19.73 7.09
C GLY A 62 6.16 19.95 8.59
N LEU A 63 7.28 19.97 9.31
CA LEU A 63 7.19 20.04 10.77
C LEU A 63 6.59 21.36 11.22
N GLU A 64 7.08 22.46 10.66
CA GLU A 64 6.55 23.76 11.00
C GLU A 64 5.07 23.85 10.65
N LEU A 65 4.71 23.34 9.47
CA LEU A 65 3.30 23.38 9.08
C LEU A 65 2.43 22.58 10.03
N PHE A 66 2.90 21.40 10.45
CA PHE A 66 2.05 20.59 11.33
C PHE A 66 1.91 21.21 12.72
N ARG A 68 1.68 24.36 13.15
CA ARG A 68 0.62 25.35 12.91
C ARG A 68 -0.74 24.68 12.85
N VAL A 69 -0.83 23.50 12.23
CA VAL A 69 -2.08 22.77 12.22
C VAL A 69 -2.52 22.47 13.65
N LEU A 70 -1.60 22.02 14.50
CA LEU A 70 -1.97 21.73 15.89
C LEU A 70 -2.38 22.99 16.64
N GLU A 71 -1.68 24.10 16.42
CA GLU A 71 -2.04 25.34 17.10
C GLU A 71 -3.36 25.92 16.60
N SER A 72 -3.67 25.74 15.31
CA SER A 72 -4.85 26.35 14.74
C SER A 72 -6.12 25.61 15.09
N PHE A 73 -6.05 24.30 15.33
CA PHE A 73 -7.23 23.46 15.54
C PHE A 73 -7.12 22.66 16.82
N PRO A 74 -6.91 23.32 17.96
CA PRO A 74 -6.61 22.57 19.20
C PRO A 74 -7.79 21.81 19.78
N THR A 75 -8.98 21.93 19.21
CA THR A 75 -10.14 21.18 19.66
C THR A 75 -10.59 20.15 18.63
N GLU A 76 -9.87 19.99 17.53
CA GLU A 76 -10.25 19.06 16.48
C GLU A 76 -9.46 17.77 16.70
N SER A 77 -10.05 16.85 17.46
CA SER A 77 -9.36 15.60 17.77
C SER A 77 -9.11 14.78 16.51
N SER A 78 -10.05 14.82 15.56
CA SER A 78 -9.85 14.14 14.28
C SER A 78 -8.64 14.68 13.54
N ILE A 79 -8.40 15.99 13.60
CA ILE A 79 -7.24 16.56 12.92
C ILE A 79 -5.96 16.23 13.67
N GLN A 80 -5.98 16.33 15.00
CA GLN A 80 -4.80 16.02 15.79
C GLN A 80 -4.35 14.58 15.58
N GLN A 81 -5.30 13.66 15.46
CA GLN A 81 -4.95 12.25 15.30
C GLN A 81 -4.12 12.02 14.05
N LYS A 82 -4.51 12.66 12.94
CA LYS A 82 -3.84 12.43 11.67
C LYS A 82 -2.47 13.10 11.64
N VAL A 83 -2.39 14.31 12.15
CA VAL A 83 -1.11 14.97 12.31
C VAL A 83 -0.16 14.10 13.12
N LEU A 84 -0.63 13.56 14.25
CA LEU A 84 0.24 12.79 15.13
C LEU A 84 0.53 11.41 14.55
N GLY A 85 -0.44 10.81 13.84
CA GLY A 85 -0.15 9.58 13.12
C GLY A 85 1.04 9.72 12.20
N LEU A 86 1.08 10.79 11.40
CA LEU A 86 2.23 11.04 10.55
C LEU A 86 3.50 11.24 11.38
N LEU A 87 3.43 12.09 12.41
CA LEU A 87 4.63 12.35 13.21
C LEU A 87 5.15 11.08 13.88
N ASN A 88 4.25 10.17 14.24
CA ASN A 88 4.69 8.89 14.80
C ASN A 88 5.50 8.10 13.77
N ASN A 89 5.16 8.22 12.47
CA ASN A 89 5.97 7.58 11.44
C ASN A 89 7.34 8.23 11.32
N ILE A 90 7.40 9.56 11.38
CA ILE A 90 8.71 10.23 11.38
C ILE A 90 9.53 9.81 12.61
N ALA A 91 8.87 9.68 13.75
CA ALA A 91 9.56 9.35 14.99
C ALA A 91 10.24 7.99 14.93
N GLU A 92 9.76 7.08 14.07
CA GLU A 92 10.35 5.77 13.89
C GLU A 92 11.67 5.79 13.12
N VAL A 93 11.95 6.87 12.38
CA VAL A 93 13.11 6.91 11.49
C VAL A 93 14.29 7.48 12.26
N GLN A 94 15.27 6.65 12.55
CA GLN A 94 16.29 7.08 13.48
C GLN A 94 17.17 8.18 12.89
N GLU A 95 17.41 8.18 11.58
CA GLU A 95 18.21 9.26 11.01
C GLU A 95 17.50 10.60 11.03
N LEU A 96 16.19 10.61 11.27
CA LEU A 96 15.47 11.87 11.41
C LEU A 96 15.35 12.30 12.86
N HIS A 97 15.98 11.58 13.78
CA HIS A 97 15.76 11.85 15.21
C HIS A 97 16.04 13.30 15.55
N SER A 98 17.16 13.84 15.06
CA SER A 98 17.57 15.17 15.52
C SER A 98 16.62 16.26 15.03
N GLU A 99 15.89 16.03 13.93
CA GLU A 99 14.89 17.00 13.48
C GLU A 99 13.75 17.18 14.47
N LEU A 100 13.47 16.16 15.29
CA LEU A 100 12.36 16.21 16.21
C LEU A 100 12.75 16.79 17.56
N TRP A 102 13.31 19.62 19.19
CA TRP A 102 13.21 21.03 19.54
C TRP A 102 12.06 21.23 20.50
N LYS A 103 12.25 22.21 21.38
CA LYS A 103 11.44 22.33 22.58
C LYS A 103 9.97 22.53 22.25
N ASP A 104 9.69 23.42 21.31
CA ASP A 104 8.30 23.70 20.94
C ASP A 104 7.56 22.43 20.55
N PHE A 105 8.21 21.62 19.70
CA PHE A 105 7.62 20.38 19.24
C PHE A 105 7.35 19.43 20.40
N ILE A 106 8.38 19.17 21.23
CA ILE A 106 8.22 18.23 22.33
C ILE A 106 7.19 18.74 23.31
N ASP A 107 7.19 20.04 23.58
CA ASP A 107 6.16 20.62 24.44
C ASP A 107 4.75 20.35 23.90
N HIS A 108 4.57 20.46 22.58
CA HIS A 108 3.26 20.17 21.99
C HIS A 108 2.87 18.70 22.17
N ILE A 109 3.78 17.78 21.82
CA ILE A 109 3.49 16.35 21.97
C ILE A 109 3.19 16.02 23.43
N SER A 110 4.00 16.52 24.36
CA SER A 110 3.80 16.17 25.77
C SER A 110 2.41 16.58 26.24
N SER A 111 1.91 17.71 25.73
CA SER A 111 0.57 18.14 26.11
C SER A 111 -0.50 17.27 25.48
N LEU A 112 -0.32 16.85 24.23
CA LEU A 112 -1.33 15.98 23.63
C LEU A 112 -1.27 14.56 24.19
N LEU A 113 -0.17 14.18 24.84
CA LEU A 113 -0.15 12.91 25.56
C LEU A 113 -1.24 12.86 26.61
N HIS A 114 -1.61 14.02 27.15
CA HIS A 114 -2.59 14.12 28.22
C HIS A 114 -3.99 14.37 27.70
N SER A 115 -4.19 14.33 26.38
CA SER A 115 -5.54 14.45 25.85
C SER A 115 -6.39 13.31 26.39
N VAL A 116 -7.67 13.60 26.63
CA VAL A 116 -8.58 12.53 27.09
C VAL A 116 -9.04 11.66 25.95
N GLU A 117 -8.61 11.94 24.73
CA GLU A 117 -8.97 11.12 23.58
C GLU A 117 -7.85 10.13 23.35
N VAL A 118 -8.17 8.83 23.48
CA VAL A 118 -7.11 7.84 23.32
C VAL A 118 -6.59 7.84 21.88
N GLU A 119 -7.43 8.21 20.90
CA GLU A 119 -6.97 8.29 19.51
C GLU A 119 -6.05 9.48 19.25
N VAL A 120 -5.86 10.35 20.23
CA VAL A 120 -4.88 11.40 20.18
C VAL A 120 -3.67 11.06 21.03
N SER A 121 -3.94 10.74 22.30
CA SER A 121 -2.90 10.33 23.24
C SER A 121 -2.03 9.20 22.69
N TYR A 122 -2.66 8.20 22.08
CA TYR A 122 -1.94 7.00 21.63
C TYR A 122 -0.77 7.38 20.72
N PHE A 123 -0.97 8.32 19.82
CA PHE A 123 0.10 8.65 18.88
C PHE A 123 1.11 9.61 19.48
N ALA A 124 0.68 10.52 20.36
CA ALA A 124 1.66 11.30 21.11
C ALA A 124 2.56 10.37 21.92
N ALA A 125 1.97 9.34 22.55
CA ALA A 125 2.75 8.36 23.28
C ALA A 125 3.72 7.62 22.37
N GLY A 126 3.27 7.22 21.18
CA GLY A 126 4.17 6.53 20.26
C GLY A 126 5.37 7.35 19.87
N ILE A 127 5.17 8.66 19.64
CA ILE A 127 6.27 9.55 19.31
C ILE A 127 7.25 9.60 20.47
N ILE A 128 6.73 9.80 21.68
CA ILE A 128 7.57 9.88 22.87
C ILE A 128 8.30 8.56 23.11
N ALA A 129 7.59 7.43 22.94
CA ALA A 129 8.23 6.13 23.12
C ALA A 129 9.43 5.97 22.20
N HIS A 130 9.26 6.27 20.90
CA HIS A 130 10.36 6.12 19.97
C HIS A 130 11.52 7.06 20.30
N LEU A 131 11.21 8.30 20.64
CA LEU A 131 12.30 9.24 20.91
C LEU A 131 13.07 8.86 22.17
N ILE A 132 12.36 8.42 23.21
CA ILE A 132 13.05 8.03 24.43
C ILE A 132 13.86 6.76 24.21
N SER A 133 13.39 5.87 23.33
CA SER A 133 14.07 4.59 23.12
C SER A 133 15.49 4.75 22.58
N ARG A 134 15.81 5.89 21.99
CA ARG A 134 17.13 6.07 21.40
C ARG A 134 18.20 6.39 22.44
N GLY A 135 17.82 6.60 23.68
CA GLY A 135 18.78 6.65 24.76
C GLY A 135 18.99 8.07 25.27
N GLU A 136 19.53 8.13 26.50
CA GLU A 136 19.82 9.40 27.15
C GLU A 136 20.77 10.25 26.32
N GLN A 137 21.76 9.61 25.71
CA GLN A 137 22.75 10.33 24.92
C GLN A 137 22.11 11.04 23.74
N ALA A 138 21.11 10.40 23.10
CA ALA A 138 20.47 11.00 21.93
C ALA A 138 19.54 12.14 22.29
N TRP A 139 19.17 12.28 23.56
CA TRP A 139 18.19 13.27 23.99
C TRP A 139 18.90 14.58 24.31
N THR A 140 18.78 15.55 23.41
CA THR A 140 19.54 16.80 23.53
C THR A 140 18.71 17.95 24.08
N LEU A 141 17.62 17.65 24.77
CA LEU A 141 16.84 18.64 25.49
C LEU A 141 17.05 18.41 26.99
N SER A 142 16.21 19.04 27.80
CA SER A 142 16.28 18.93 29.25
C SER A 142 16.25 17.49 29.71
N ARG A 143 17.18 17.14 30.60
CA ARG A 143 17.22 15.81 31.16
C ARG A 143 16.03 15.55 32.08
N SER A 144 15.58 16.58 32.80
CA SER A 144 14.43 16.37 33.66
C SER A 144 13.14 16.25 32.84
N GLN A 145 13.11 16.83 31.64
CA GLN A 145 11.94 16.62 30.78
C GLN A 145 11.90 15.18 30.27
N ARG A 146 13.04 14.64 29.83
CA ARG A 146 13.09 13.23 29.46
C ARG A 146 12.53 12.36 30.59
N ASN A 147 12.97 12.59 31.82
CA ASN A 147 12.55 11.72 32.93
C ASN A 147 11.07 11.83 33.20
N SER A 148 10.52 13.05 33.22
CA SER A 148 9.10 13.15 33.51
C SER A 148 8.26 12.69 32.32
N LEU A 149 8.76 12.86 31.09
CA LEU A 149 8.06 12.28 29.95
C LEU A 149 7.94 10.77 30.09
N LEU A 150 8.98 10.14 30.63
CA LEU A 150 8.94 8.70 30.79
C LEU A 150 7.87 8.27 31.79
N ASP A 151 7.76 8.97 32.92
CA ASP A 151 6.73 8.63 33.88
C ASP A 151 5.35 8.97 33.34
N ASP A 152 5.21 10.11 32.64
CA ASP A 152 3.92 10.45 32.04
C ASP A 152 3.50 9.42 31.00
N LEU A 153 4.47 8.91 30.25
CA LEU A 153 4.19 7.91 29.23
C LEU A 153 3.57 6.69 29.88
N HIS A 154 4.31 6.09 30.82
CA HIS A 154 3.81 4.96 31.57
C HIS A 154 2.44 5.24 32.17
N SER A 155 2.34 6.37 32.87
CA SER A 155 1.08 6.71 33.54
C SER A 155 -0.06 6.89 32.53
N ALA A 156 0.20 7.53 31.39
CA ALA A 156 -0.90 7.77 30.44
C ALA A 156 -1.45 6.46 29.88
N ILE A 157 -0.57 5.50 29.56
CA ILE A 157 -1.04 4.27 28.94
C ILE A 157 -1.97 3.52 29.88
N LEU A 158 -1.64 3.50 31.17
CA LEU A 158 -2.44 2.74 32.13
C LEU A 158 -3.84 3.30 32.29
N LYS A 159 -4.06 4.56 31.90
CA LYS A 159 -5.39 5.15 31.99
C LYS A 159 -6.23 4.91 30.76
N TRP A 160 -5.67 4.38 29.67
CA TRP A 160 -6.42 4.32 28.43
C TRP A 160 -7.53 3.28 28.53
N PRO A 161 -8.73 3.60 28.08
CA PRO A 161 -9.76 2.58 27.92
C PRO A 161 -9.50 1.79 26.65
N THR A 162 -10.25 0.73 26.49
CA THR A 162 -10.22 -0.04 25.26
C THR A 162 -10.91 0.75 24.18
N PRO A 163 -10.21 1.22 23.14
CA PRO A 163 -10.88 2.00 22.09
C PRO A 163 -11.94 1.16 21.41
N GLU A 164 -12.91 1.84 20.80
CA GLU A 164 -13.97 1.07 20.16
C GLU A 164 -13.58 0.61 18.76
N CYS A 165 -12.65 1.30 18.10
CA CYS A 165 -12.14 0.88 16.81
C CYS A 165 -10.63 0.65 16.89
N GLU A 166 -10.09 -0.03 15.89
CA GLU A 166 -8.66 0.10 15.63
C GLU A 166 -8.39 1.56 15.36
N VAL A 168 -5.43 2.62 13.93
CA VAL A 168 -4.22 2.63 13.14
C VAL A 168 -4.12 1.25 12.52
N ALA A 169 -3.43 1.16 11.39
CA ALA A 169 -3.05 -0.12 10.82
C ALA A 169 -1.54 -0.13 10.66
N TYR A 170 -0.97 -1.33 10.76
CA TYR A 170 0.47 -1.53 10.58
C TYR A 170 0.67 -2.56 9.49
N ARG A 171 1.72 -2.35 8.69
CA ARG A 171 2.09 -3.37 7.73
C ARG A 171 3.29 -4.19 8.20
N SER A 172 3.85 -3.88 9.37
CA SER A 172 4.94 -4.63 9.94
C SER A 172 5.08 -4.22 11.40
N PHE A 173 5.52 -5.15 12.25
CA PHE A 173 5.83 -4.85 13.63
C PHE A 173 7.30 -4.56 13.86
N ASN A 174 8.11 -4.56 12.80
CA ASN A 174 9.55 -4.27 12.94
C ASN A 174 9.85 -3.02 13.75
N PRO A 175 9.16 -1.89 13.59
CA PRO A 175 9.51 -0.71 14.39
C PRO A 175 9.29 -0.90 15.89
N PHE A 176 8.45 -1.85 16.30
CA PHE A 176 8.18 -2.05 17.72
C PHE A 176 9.23 -2.88 18.45
N PHE A 177 10.00 -3.71 17.74
CA PHE A 177 10.81 -4.72 18.43
C PHE A 177 11.94 -4.09 19.24
N PRO A 178 12.64 -3.05 18.76
CA PRO A 178 13.64 -2.42 19.64
C PRO A 178 13.02 -1.81 20.88
N LEU A 179 11.75 -1.41 20.84
CA LEU A 179 11.12 -0.84 22.03
C LEU A 179 10.92 -1.90 23.11
N LEU A 180 10.63 -3.13 22.72
CA LEU A 180 10.74 -4.21 23.67
C LEU A 180 12.20 -4.31 24.10
N GLY A 181 12.45 -4.91 25.24
CA GLY A 181 13.86 -4.89 25.58
C GLY A 181 14.42 -3.55 26.01
N CYS A 182 13.63 -2.48 25.96
CA CYS A 182 13.96 -1.24 26.69
C CYS A 182 13.59 -1.40 28.17
N PHE A 183 14.23 -2.39 28.83
CA PHE A 183 13.91 -2.69 30.22
C PHE A 183 14.21 -1.53 31.17
N THR A 184 15.17 -0.68 30.82
CA THR A 184 15.53 0.47 31.64
C THR A 184 14.43 1.54 31.67
N THR A 185 13.56 1.59 30.65
CA THR A 185 12.53 2.62 30.53
C THR A 185 11.21 1.90 30.24
N PRO A 186 10.55 1.39 31.26
CA PRO A 186 9.42 0.47 31.02
C PRO A 186 8.22 1.11 30.32
N GLY A 187 8.02 2.42 30.41
CA GLY A 187 6.91 3.02 29.67
C GLY A 187 7.07 2.86 28.17
N VAL A 188 8.31 2.79 27.69
CA VAL A 188 8.58 2.51 26.28
C VAL A 188 8.09 1.12 25.91
N GLN A 189 8.44 0.10 26.70
CA GLN A 189 7.96 -1.25 26.41
C GLN A 189 6.46 -1.31 26.51
N LEU A 190 5.91 -0.60 27.51
CA LEU A 190 4.48 -0.63 27.75
C LEU A 190 3.70 -0.14 26.53
N TRP A 191 4.18 0.94 25.90
CA TRP A 191 3.49 1.41 24.69
C TRP A 191 3.55 0.36 23.60
N ALA A 192 4.72 -0.24 23.39
CA ALA A 192 4.87 -1.22 22.33
C ALA A 192 3.94 -2.41 22.55
N VAL A 193 3.95 -3.01 23.74
CA VAL A 193 3.08 -4.16 23.98
C VAL A 193 1.60 -3.74 23.97
N TRP A 194 1.27 -2.57 24.52
CA TRP A 194 -0.14 -2.13 24.45
C TRP A 194 -0.60 -2.03 23.00
N ALA A 195 0.24 -1.44 22.14
CA ALA A 195 -0.13 -1.28 20.74
C ALA A 195 -0.26 -2.63 20.06
N GLN A 197 -0.96 -5.55 21.54
CA GLN A 197 -2.17 -6.21 22.07
C GLN A 197 -3.42 -5.62 21.44
N HIS A 198 -3.43 -4.29 21.25
CA HIS A 198 -4.61 -3.60 20.74
C HIS A 198 -4.99 -4.08 19.34
N VAL A 199 -4.02 -4.13 18.42
CA VAL A 199 -4.37 -4.55 17.06
C VAL A 199 -4.52 -6.07 16.98
N CYS A 200 -3.75 -6.84 17.75
CA CYS A 200 -3.91 -8.30 17.66
C CYS A 200 -5.24 -8.74 18.22
N SER A 201 -5.73 -8.08 19.27
CA SER A 201 -7.02 -8.47 19.82
C SER A 201 -8.16 -8.03 18.93
N LYS A 202 -8.03 -6.87 18.27
CA LYS A 202 -9.13 -6.41 17.43
C LYS A 202 -9.12 -7.05 16.05
N ASN A 203 -7.98 -7.51 15.56
CA ASN A 203 -7.89 -8.01 14.19
C ASN A 203 -6.90 -9.15 14.11
N PRO A 204 -7.18 -10.29 14.73
CA PRO A 204 -6.20 -11.39 14.76
C PRO A 204 -5.86 -11.93 13.38
N SER A 205 -6.83 -11.99 12.47
CA SER A 205 -6.55 -12.61 11.18
C SER A 205 -5.69 -11.72 10.30
N ARG A 206 -5.53 -10.44 10.63
CA ARG A 206 -4.58 -9.58 9.94
C ARG A 206 -3.21 -9.54 10.61
N TYR A 207 -3.15 -9.69 11.93
CA TYR A 207 -1.95 -9.33 12.66
C TYR A 207 -1.23 -10.48 13.34
N CYS A 208 -1.94 -11.54 13.74
CA CYS A 208 -1.28 -12.58 14.52
C CYS A 208 -0.24 -13.30 13.69
N SER A 209 -0.58 -13.67 12.46
CA SER A 209 0.41 -14.36 11.63
C SER A 209 1.55 -13.43 11.24
N LEU A 211 2.79 -11.04 13.09
CA LEU A 211 3.67 -10.93 14.26
C LEU A 211 4.49 -12.20 14.46
N ILE A 212 3.87 -13.37 14.30
CA ILE A 212 4.60 -14.62 14.41
C ILE A 212 5.68 -14.69 13.34
N GLU A 213 5.33 -14.34 12.11
CA GLU A 213 6.27 -14.42 11.00
C GLU A 213 7.48 -13.51 11.22
N GLU A 214 7.30 -12.38 11.89
CA GLU A 214 8.41 -11.46 12.06
C GLU A 214 9.21 -11.73 13.32
N GLY A 215 8.93 -12.84 14.01
CA GLY A 215 9.67 -13.20 15.19
C GLY A 215 9.05 -12.78 16.51
N GLY A 216 7.77 -12.41 16.53
CA GLY A 216 7.19 -11.86 17.75
C GLY A 216 7.20 -12.84 18.91
N LEU A 217 7.03 -14.12 18.63
CA LEU A 217 6.96 -15.10 19.72
C LEU A 217 8.16 -15.01 20.64
N GLN A 218 9.37 -15.11 20.07
CA GLN A 218 10.54 -15.14 20.95
C GLN A 218 10.77 -13.79 21.60
N HIS A 219 10.58 -12.68 20.86
CA HIS A 219 10.68 -11.37 21.50
C HIS A 219 9.74 -11.26 22.70
N LEU A 220 8.54 -11.82 22.60
CA LEU A 220 7.61 -11.71 23.72
C LEU A 220 7.88 -12.75 24.81
N TYR A 221 8.34 -13.95 24.43
CA TYR A 221 8.76 -14.92 25.43
C TYR A 221 9.96 -14.38 26.21
N ASN A 222 10.83 -13.64 25.52
CA ASN A 222 11.97 -13.02 26.18
C ASN A 222 11.53 -12.01 27.22
N ILE A 223 10.36 -11.41 27.04
CA ILE A 223 9.83 -10.58 28.14
C ILE A 223 9.19 -11.45 29.20
N LYS A 224 8.38 -12.43 28.78
CA LYS A 224 7.69 -13.29 29.74
C LYS A 224 8.68 -13.94 30.71
N ASP A 225 9.87 -14.31 30.22
CA ASP A 225 10.88 -14.98 31.04
C ASP A 225 11.83 -14.03 31.74
N HIS A 226 11.82 -12.74 31.42
CA HIS A 226 12.79 -11.83 32.00
C HIS A 226 12.49 -11.61 33.49
N GLU A 227 13.55 -11.47 34.28
CA GLU A 227 13.40 -11.45 35.72
C GLU A 227 12.70 -10.21 36.24
N HIS A 228 13.32 -9.05 36.14
CA HIS A 228 12.77 -7.86 36.77
C HIS A 228 12.07 -7.01 35.71
N THR A 229 10.83 -7.39 35.43
CA THR A 229 10.00 -6.79 34.39
C THR A 229 8.82 -6.07 35.06
N ASP A 230 8.45 -4.94 34.49
CA ASP A 230 7.32 -4.18 34.99
C ASP A 230 6.08 -5.07 34.92
N PRO A 231 5.29 -5.18 35.99
CA PRO A 231 4.17 -6.15 35.96
C PRO A 231 3.16 -5.85 34.87
N HIS A 232 2.92 -4.58 34.55
CA HIS A 232 1.98 -4.25 33.49
C HIS A 232 2.54 -4.63 32.12
N VAL A 233 3.81 -4.33 31.87
CA VAL A 233 4.42 -4.82 30.64
C VAL A 233 4.25 -6.32 30.51
N GLN A 234 4.50 -7.05 31.60
CA GLN A 234 4.49 -8.50 31.55
C GLN A 234 3.07 -9.01 31.32
N GLN A 235 2.08 -8.39 31.96
CA GLN A 235 0.72 -8.89 31.84
C GLN A 235 0.24 -8.81 30.40
N ILE A 236 0.56 -7.71 29.70
CA ILE A 236 0.13 -7.53 28.32
C ILE A 236 0.94 -8.42 27.37
N ALA A 237 2.24 -8.58 27.63
CA ALA A 237 3.05 -9.51 26.84
C ALA A 237 2.44 -10.92 26.84
N VAL A 238 2.08 -11.42 28.01
CA VAL A 238 1.46 -12.75 28.08
C VAL A 238 0.11 -12.77 27.36
N ALA A 239 -0.66 -11.67 27.42
CA ALA A 239 -1.91 -11.65 26.68
C ALA A 239 -1.68 -11.69 25.17
N ILE A 240 -0.63 -11.01 24.66
CA ILE A 240 -0.33 -11.16 23.24
C ILE A 240 0.09 -12.58 22.93
N LEU A 241 0.97 -13.15 23.79
CA LEU A 241 1.44 -14.51 23.57
C LEU A 241 0.25 -15.48 23.51
N ASP A 242 -0.65 -15.38 24.47
CA ASP A 242 -1.85 -16.22 24.46
C ASP A 242 -2.55 -16.15 23.11
N SER A 243 -2.78 -14.94 22.62
CA SER A 243 -3.39 -14.80 21.30
C SER A 243 -2.52 -15.41 20.21
N LEU A 244 -1.20 -15.28 20.32
CA LEU A 244 -0.34 -15.83 19.28
C LEU A 244 -0.33 -17.36 19.34
N GLU A 245 -0.29 -17.91 20.56
CA GLU A 245 -0.30 -19.35 20.70
C GLU A 245 -1.54 -19.95 20.08
N LYS A 246 -2.71 -19.33 20.29
CA LYS A 246 -3.97 -19.83 19.74
C LYS A 246 -4.06 -19.64 18.23
N HIS A 247 -3.34 -18.68 17.65
CA HIS A 247 -3.36 -18.56 16.19
C HIS A 247 -2.64 -19.74 15.53
N ILE A 248 -1.50 -20.17 16.10
CA ILE A 248 -0.93 -21.49 15.80
C ILE A 248 -1.83 -22.44 16.56
N VAL A 249 -1.69 -23.75 16.38
CA VAL A 249 -2.55 -24.72 17.06
C VAL A 249 -4.02 -24.34 16.90
N ARG A 250 -4.38 -23.81 15.75
CA ARG A 250 -5.79 -23.59 15.45
C ARG A 250 -6.48 -24.91 15.14
N GLY B 1 2.98 3.30 10.40
CA GLY B 1 1.55 3.16 10.59
C GLY B 1 0.75 3.93 9.56
N SER B 2 -0.53 3.60 9.45
CA SER B 2 -1.43 4.29 8.52
C SER B 2 -2.82 4.30 9.15
N THR B 3 -3.78 4.95 8.47
CA THR B 3 -5.16 4.93 8.96
C THR B 3 -5.71 3.51 8.93
N GLU B 4 -6.67 3.23 9.80
CA GLU B 4 -7.24 1.89 9.85
C GLU B 4 -8.12 1.64 8.62
N GLN B 5 -8.37 0.35 8.36
CA GLN B 5 -8.95 -0.05 7.08
C GLN B 5 -10.36 0.50 6.86
N THR B 6 -11.18 0.55 7.91
CA THR B 6 -12.53 1.06 7.73
C THR B 6 -12.52 2.55 7.39
N ALA B 7 -11.67 3.33 8.06
CA ALA B 7 -11.52 4.74 7.70
C ALA B 7 -11.03 4.86 6.26
N GLN B 8 -10.03 4.05 5.88
CA GLN B 8 -9.50 4.15 4.54
C GLN B 8 -10.59 3.84 3.50
N LEU B 9 -11.39 2.80 3.74
CA LEU B 9 -12.50 2.50 2.85
C LEU B 9 -13.48 3.67 2.76
N GLY B 10 -13.68 4.39 3.86
CA GLY B 10 -14.54 5.56 3.81
C GLY B 10 -13.97 6.78 3.07
N THR B 11 -12.70 6.76 2.64
CA THR B 11 -12.17 7.87 1.84
C THR B 11 -12.07 7.56 0.34
N GLU B 12 -12.20 6.29 -0.05
CA GLU B 12 -11.98 5.90 -1.44
C GLU B 12 -12.86 6.69 -2.40
N LEU B 13 -14.13 6.87 -2.06
CA LEU B 13 -15.03 7.55 -3.00
C LEU B 13 -14.58 8.99 -3.22
N PHE B 14 -14.24 9.70 -2.14
CA PHE B 14 -13.77 11.07 -2.27
C PHE B 14 -12.49 11.15 -3.09
N ILE B 15 -11.55 10.23 -2.84
CA ILE B 15 -10.29 10.27 -3.57
C ILE B 15 -10.50 9.96 -5.05
N VAL B 16 -11.30 8.95 -5.37
CA VAL B 16 -11.57 8.63 -6.78
C VAL B 16 -12.18 9.84 -7.50
N ARG B 17 -13.18 10.48 -6.89
CA ARG B 17 -13.83 11.62 -7.55
C ARG B 17 -12.87 12.78 -7.73
N GLN B 18 -12.07 13.10 -6.71
CA GLN B 18 -11.12 14.20 -6.83
C GLN B 18 -10.10 13.91 -7.92
N LEU B 19 -9.57 12.69 -7.96
CA LEU B 19 -8.55 12.40 -8.96
C LEU B 19 -9.13 12.32 -10.36
N LEU B 20 -10.38 11.83 -10.49
CA LEU B 20 -11.01 11.85 -11.80
C LEU B 20 -11.28 13.27 -12.27
N GLN B 21 -11.74 14.14 -11.36
CA GLN B 21 -11.93 15.55 -11.72
C GLN B 21 -10.63 16.19 -12.17
N ILE B 22 -9.50 15.81 -11.57
CA ILE B 22 -8.24 16.36 -12.04
C ILE B 22 -7.90 15.85 -13.44
N VAL B 23 -8.17 14.58 -13.72
CA VAL B 23 -7.91 14.05 -15.06
C VAL B 23 -8.81 14.75 -16.07
N LYS B 24 -10.08 14.91 -15.74
CA LYS B 24 -11.03 15.55 -16.64
C LYS B 24 -10.61 16.98 -16.94
N GLN B 25 -10.21 17.74 -15.92
CA GLN B 25 -9.81 19.12 -16.16
C GLN B 25 -8.56 19.21 -17.04
N LYS B 26 -7.57 18.34 -16.79
CA LYS B 26 -6.36 18.38 -17.62
C LYS B 26 -6.63 17.89 -19.04
N THR B 27 -7.53 16.93 -19.20
CA THR B 27 -7.88 16.48 -20.55
C THR B 27 -8.59 17.59 -21.30
N ASN B 28 -9.49 18.31 -20.62
CA ASN B 28 -10.17 19.43 -21.25
C ASN B 28 -9.19 20.52 -21.67
N GLN B 29 -8.15 20.74 -20.89
CA GLN B 29 -7.16 21.76 -21.21
C GLN B 29 -6.16 21.28 -22.23
N ASN B 30 -6.27 20.04 -22.68
CA ASN B 30 -5.28 19.44 -23.57
C ASN B 30 -3.88 19.55 -22.98
N SER B 31 -3.79 19.53 -21.65
CA SER B 31 -2.53 19.72 -20.93
C SER B 31 -1.99 18.37 -20.45
N VAL B 32 -0.94 17.88 -21.10
CA VAL B 32 -0.23 16.68 -20.65
C VAL B 32 0.92 17.16 -19.77
N ASP B 33 0.62 17.39 -18.50
CA ASP B 33 1.62 17.94 -17.59
C ASP B 33 1.91 16.97 -16.47
N THR B 34 2.85 17.38 -15.61
CA THR B 34 3.33 16.50 -14.56
C THR B 34 2.20 16.12 -13.61
N THR B 35 1.31 17.07 -13.30
CA THR B 35 0.20 16.79 -12.41
C THR B 35 -0.69 15.69 -12.97
N LEU B 36 -0.97 15.74 -14.28
CA LEU B 36 -1.80 14.71 -14.89
C LEU B 36 -1.13 13.35 -14.77
N LYS B 37 0.17 13.28 -15.01
CA LYS B 37 0.85 12.00 -14.98
C LYS B 37 0.83 11.37 -13.59
N PHE B 38 1.12 12.16 -12.53
CA PHE B 38 1.14 11.50 -11.23
C PHE B 38 -0.25 11.38 -10.63
N THR B 39 -1.22 12.15 -11.11
CA THR B 39 -2.62 11.88 -10.79
C THR B 39 -3.03 10.52 -11.38
N LEU B 40 -2.65 10.23 -12.62
CA LEU B 40 -3.03 8.95 -13.22
C LEU B 40 -2.31 7.79 -12.53
N SER B 41 -1.06 7.99 -12.14
CA SER B 41 -0.32 6.95 -11.41
C SER B 41 -0.99 6.63 -10.07
N ALA B 42 -1.39 7.67 -9.34
CA ALA B 42 -2.00 7.48 -8.03
C ALA B 42 -3.34 6.76 -8.13
N LEU B 43 -4.11 7.04 -9.18
CA LEU B 43 -5.39 6.36 -9.39
C LEU B 43 -5.17 4.89 -9.67
N TRP B 44 -4.30 4.61 -10.64
CA TRP B 44 -3.86 3.25 -10.90
C TRP B 44 -3.45 2.55 -9.61
N ASN B 45 -2.54 3.15 -8.84
CA ASN B 45 -2.09 2.51 -7.59
C ASN B 45 -3.23 2.35 -6.61
N LEU B 46 -4.20 3.27 -6.61
CA LEU B 46 -5.31 3.12 -5.70
C LEU B 46 -6.21 1.93 -6.07
N THR B 47 -6.22 1.51 -7.33
CA THR B 47 -7.08 0.39 -7.70
C THR B 47 -6.41 -0.98 -7.52
N ASP B 48 -5.11 -0.99 -7.22
CA ASP B 48 -4.32 -2.20 -6.98
C ASP B 48 -5.01 -3.11 -5.97
N GLU B 49 -5.49 -4.27 -6.43
CA GLU B 49 -6.21 -5.24 -5.61
C GLU B 49 -7.30 -4.59 -4.75
N SER B 50 -8.03 -3.63 -5.32
CA SER B 50 -9.11 -2.94 -4.60
C SER B 50 -10.38 -2.95 -5.43
N PRO B 51 -11.19 -4.01 -5.31
CA PRO B 51 -12.48 -4.04 -6.02
C PRO B 51 -13.40 -2.90 -5.63
N THR B 52 -13.36 -2.43 -4.38
CA THR B 52 -14.21 -1.30 -4.02
C THR B 52 -13.81 -0.04 -4.77
N THR B 53 -12.50 0.22 -4.91
CA THR B 53 -12.07 1.40 -5.65
C THR B 53 -12.38 1.24 -7.13
N CYS B 54 -12.24 0.03 -7.64
CA CYS B 54 -12.58 -0.22 -9.03
C CYS B 54 -14.06 0.07 -9.30
N ARG B 55 -14.94 -0.33 -8.37
CA ARG B 55 -16.36 -0.03 -8.52
C ARG B 55 -16.65 1.47 -8.44
N HIS B 56 -16.02 2.18 -7.49
CA HIS B 56 -16.17 3.63 -7.44
C HIS B 56 -15.76 4.28 -8.75
N PHE B 57 -14.63 3.84 -9.32
CA PHE B 57 -14.18 4.34 -10.61
C PHE B 57 -15.25 4.14 -11.69
N ILE B 58 -15.82 2.93 -11.78
CA ILE B 58 -16.83 2.63 -12.80
C ILE B 58 -18.09 3.46 -12.56
N GLU B 59 -18.61 3.46 -11.33
CA GLU B 59 -19.83 4.18 -10.99
C GLU B 59 -19.68 5.69 -11.06
N ASN B 60 -18.50 6.19 -11.41
CA ASN B 60 -18.29 7.63 -11.51
C ASN B 60 -17.73 7.98 -12.88
N GLN B 61 -18.10 7.17 -13.88
CA GLN B 61 -17.85 7.44 -15.30
C GLN B 61 -16.36 7.41 -15.64
N GLY B 62 -15.57 6.64 -14.90
CA GLY B 62 -14.15 6.58 -15.18
C GLY B 62 -13.86 5.98 -16.53
N LEU B 63 -14.64 4.97 -16.91
CA LEU B 63 -14.48 4.30 -18.20
C LEU B 63 -14.57 5.29 -19.37
N GLU B 64 -15.65 6.08 -19.41
CA GLU B 64 -15.82 7.04 -20.48
C GLU B 64 -14.75 8.11 -20.44
N LEU B 65 -14.40 8.58 -19.24
CA LEU B 65 -13.34 9.57 -19.13
C LEU B 65 -12.03 9.01 -19.66
N PHE B 66 -11.71 7.76 -19.32
CA PHE B 66 -10.44 7.17 -19.72
C PHE B 66 -10.41 6.86 -21.21
N ARG B 68 -11.88 8.85 -23.38
CA ARG B 68 -11.53 10.15 -23.93
C ARG B 68 -10.05 10.47 -23.73
N VAL B 69 -9.49 10.09 -22.58
CA VAL B 69 -8.07 10.29 -22.38
C VAL B 69 -7.29 9.54 -23.45
N LEU B 70 -7.65 8.28 -23.68
CA LEU B 70 -6.98 7.48 -24.70
C LEU B 70 -7.12 8.09 -26.08
N GLU B 71 -8.29 8.63 -26.40
CA GLU B 71 -8.52 9.18 -27.74
C GLU B 71 -7.92 10.57 -27.89
N SER B 72 -7.81 11.31 -26.80
CA SER B 72 -7.28 12.66 -26.88
C SER B 72 -5.78 12.71 -26.89
N PHE B 73 -5.08 11.68 -26.39
CA PHE B 73 -3.61 11.72 -26.33
C PHE B 73 -2.99 10.44 -26.90
N PRO B 74 -3.34 10.09 -28.15
CA PRO B 74 -2.96 8.76 -28.68
C PRO B 74 -1.47 8.59 -28.93
N THR B 75 -0.66 9.64 -28.74
CA THR B 75 0.78 9.57 -28.94
C THR B 75 1.55 9.51 -27.63
N GLU B 76 0.88 9.66 -26.50
CA GLU B 76 1.55 9.73 -25.20
C GLU B 76 1.54 8.34 -24.57
N SER B 77 2.58 7.57 -24.88
CA SER B 77 2.72 6.22 -24.33
C SER B 77 2.61 6.23 -22.81
N SER B 78 3.25 7.19 -22.15
CA SER B 78 3.23 7.16 -20.70
C SER B 78 1.83 7.40 -20.17
N ILE B 79 1.02 8.19 -20.87
CA ILE B 79 -0.38 8.33 -20.47
C ILE B 79 -1.12 7.02 -20.69
N GLN B 80 -0.90 6.38 -21.84
CA GLN B 80 -1.65 5.18 -22.18
C GLN B 80 -1.30 4.04 -21.22
N GLN B 81 -0.02 3.89 -20.88
CA GLN B 81 0.40 2.89 -19.90
C GLN B 81 -0.39 3.01 -18.61
N LYS B 82 -0.51 4.23 -18.07
CA LYS B 82 -1.16 4.40 -16.78
C LYS B 82 -2.66 4.14 -16.86
N VAL B 83 -3.31 4.61 -17.92
CA VAL B 83 -4.74 4.34 -18.11
C VAL B 83 -4.97 2.83 -18.19
N LEU B 84 -4.16 2.14 -19.00
CA LEU B 84 -4.34 0.70 -19.17
C LEU B 84 -3.94 -0.08 -17.92
N GLY B 85 -2.95 0.40 -17.16
CA GLY B 85 -2.66 -0.23 -15.89
C GLY B 85 -3.89 -0.26 -14.98
N LEU B 86 -4.56 0.89 -14.85
CA LEU B 86 -5.78 0.93 -14.06
C LEU B 86 -6.83 -0.01 -14.63
N LEU B 87 -7.01 0.03 -15.96
CA LEU B 87 -8.06 -0.79 -16.58
C LEU B 87 -7.73 -2.28 -16.43
N ASN B 88 -6.45 -2.63 -16.49
CA ASN B 88 -6.06 -3.99 -16.18
C ASN B 88 -6.51 -4.38 -14.76
N ASN B 89 -6.46 -3.44 -13.81
CA ASN B 89 -6.94 -3.78 -12.47
C ASN B 89 -8.45 -3.98 -12.47
N ILE B 90 -9.16 -3.17 -13.24
CA ILE B 90 -10.61 -3.38 -13.33
C ILE B 90 -10.91 -4.73 -13.95
N ALA B 91 -10.11 -5.14 -14.93
CA ALA B 91 -10.36 -6.40 -15.63
C ALA B 91 -10.22 -7.59 -14.69
N GLU B 92 -9.53 -7.43 -13.56
CA GLU B 92 -9.36 -8.53 -12.64
C GLU B 92 -10.58 -8.77 -11.77
N VAL B 93 -11.53 -7.86 -11.75
CA VAL B 93 -12.64 -7.91 -10.82
C VAL B 93 -13.83 -8.54 -11.55
N GLN B 94 -14.15 -9.76 -11.16
CA GLN B 94 -15.12 -10.55 -11.89
C GLN B 94 -16.50 -9.90 -11.86
N GLU B 95 -16.88 -9.33 -10.71
CA GLU B 95 -18.17 -8.66 -10.64
C GLU B 95 -18.23 -7.37 -11.46
N LEU B 96 -17.12 -6.91 -12.05
CA LEU B 96 -17.18 -5.75 -12.91
C LEU B 96 -17.09 -6.11 -14.39
N HIS B 97 -16.99 -7.40 -14.71
CA HIS B 97 -16.78 -7.86 -16.08
C HIS B 97 -17.76 -7.23 -17.05
N SER B 98 -19.04 -7.19 -16.70
CA SER B 98 -20.03 -6.72 -17.65
C SER B 98 -19.91 -5.22 -17.90
N GLU B 99 -19.29 -4.48 -16.97
CA GLU B 99 -19.06 -3.06 -17.20
C GLU B 99 -18.04 -2.79 -18.28
N LEU B 100 -17.14 -3.72 -18.56
CA LEU B 100 -16.15 -3.55 -19.61
C LEU B 100 -16.63 -4.04 -20.96
N TRP B 102 -18.40 -3.12 -23.63
CA TRP B 102 -18.98 -2.36 -24.73
C TRP B 102 -17.98 -2.25 -25.86
N LYS B 103 -18.53 -2.29 -27.07
CA LYS B 103 -17.75 -2.56 -28.27
C LYS B 103 -16.57 -1.61 -28.41
N ASP B 104 -16.80 -0.32 -28.18
CA ASP B 104 -15.76 0.65 -28.49
C ASP B 104 -14.66 0.70 -27.45
N PHE B 105 -14.92 0.27 -26.21
CA PHE B 105 -13.83 0.04 -25.29
C PHE B 105 -12.97 -1.14 -25.78
N ILE B 106 -13.62 -2.27 -26.08
CA ILE B 106 -12.88 -3.44 -26.54
C ILE B 106 -12.20 -3.17 -27.87
N ASP B 107 -12.88 -2.45 -28.77
CA ASP B 107 -12.26 -2.04 -30.03
C ASP B 107 -10.99 -1.24 -29.79
N HIS B 108 -11.01 -0.30 -28.84
CA HIS B 108 -9.79 0.48 -28.60
C HIS B 108 -8.70 -0.36 -27.96
N ILE B 109 -9.04 -1.18 -26.95
CA ILE B 109 -8.04 -2.07 -26.34
C ILE B 109 -7.42 -2.97 -27.41
N SER B 110 -8.25 -3.53 -28.28
CA SER B 110 -7.75 -4.42 -29.31
C SER B 110 -6.75 -3.69 -30.21
N SER B 111 -6.92 -2.38 -30.40
CA SER B 111 -5.94 -1.60 -31.16
C SER B 111 -4.67 -1.39 -30.37
N LEU B 112 -4.77 -1.01 -29.10
CA LEU B 112 -3.57 -0.81 -28.32
C LEU B 112 -2.78 -2.10 -28.13
N LEU B 113 -3.45 -3.25 -28.21
CA LEU B 113 -2.74 -4.53 -28.18
C LEU B 113 -1.65 -4.59 -29.25
N HIS B 114 -1.88 -3.94 -30.38
CA HIS B 114 -0.90 -3.94 -31.45
C HIS B 114 0.04 -2.75 -31.38
N SER B 115 0.07 -2.03 -30.27
CA SER B 115 1.01 -0.93 -30.18
C SER B 115 2.44 -1.47 -30.24
N VAL B 116 3.36 -0.63 -30.74
CA VAL B 116 4.75 -1.03 -30.81
C VAL B 116 5.46 -0.92 -29.46
N GLU B 117 4.87 -0.23 -28.51
CA GLU B 117 5.45 -0.08 -27.17
C GLU B 117 4.99 -1.23 -26.29
N VAL B 118 5.92 -2.11 -25.91
CA VAL B 118 5.54 -3.20 -25.01
C VAL B 118 4.94 -2.64 -23.72
N GLU B 119 5.37 -1.47 -23.29
CA GLU B 119 4.81 -0.87 -22.07
C GLU B 119 3.37 -0.41 -22.25
N VAL B 120 2.86 -0.41 -23.47
CA VAL B 120 1.43 -0.21 -23.74
C VAL B 120 0.73 -1.53 -24.01
N SER B 121 1.31 -2.35 -24.89
CA SER B 121 0.67 -3.58 -25.33
C SER B 121 0.51 -4.56 -24.18
N TYR B 122 1.50 -4.62 -23.28
CA TYR B 122 1.42 -5.50 -22.11
C TYR B 122 0.09 -5.35 -21.39
N PHE B 123 -0.32 -4.11 -21.11
CA PHE B 123 -1.50 -3.91 -20.29
C PHE B 123 -2.79 -4.11 -21.07
N ALA B 124 -2.79 -3.76 -22.36
CA ALA B 124 -3.90 -4.13 -23.24
C ALA B 124 -4.06 -5.65 -23.30
N ALA B 125 -2.95 -6.36 -23.47
CA ALA B 125 -2.98 -7.82 -23.42
C ALA B 125 -3.60 -8.32 -22.11
N GLY B 126 -3.22 -7.69 -20.99
CA GLY B 126 -3.69 -8.16 -19.71
C GLY B 126 -5.19 -7.98 -19.54
N ILE B 127 -5.73 -6.86 -20.02
CA ILE B 127 -7.18 -6.67 -20.00
C ILE B 127 -7.86 -7.75 -20.83
N ILE B 128 -7.30 -8.06 -22.00
CA ILE B 128 -7.92 -9.04 -22.88
C ILE B 128 -7.84 -10.44 -22.29
N ALA B 129 -6.68 -10.81 -21.72
CA ALA B 129 -6.55 -12.13 -21.13
C ALA B 129 -7.57 -12.33 -20.01
N HIS B 130 -7.76 -11.32 -19.17
CA HIS B 130 -8.68 -11.46 -18.07
C HIS B 130 -10.12 -11.54 -18.58
N LEU B 131 -10.48 -10.70 -19.55
CA LEU B 131 -11.86 -10.73 -20.04
C LEU B 131 -12.17 -12.03 -20.78
N ILE B 132 -11.18 -12.59 -21.48
CA ILE B 132 -11.43 -13.81 -22.24
C ILE B 132 -11.54 -15.00 -21.31
N SER B 133 -10.82 -14.96 -20.19
CA SER B 133 -10.76 -16.09 -19.29
C SER B 133 -12.12 -16.43 -18.68
N ARG B 134 -13.09 -15.52 -18.74
CA ARG B 134 -14.39 -15.76 -18.13
C ARG B 134 -15.31 -16.60 -19.02
N GLY B 135 -14.78 -17.21 -20.07
CA GLY B 135 -15.55 -18.12 -20.89
C GLY B 135 -16.48 -17.41 -21.86
N GLU B 136 -16.97 -18.20 -22.81
CA GLU B 136 -17.75 -17.66 -23.91
C GLU B 136 -19.08 -17.10 -23.42
N GLN B 137 -19.67 -17.70 -22.39
CA GLN B 137 -20.97 -17.22 -21.95
C GLN B 137 -20.90 -15.78 -21.44
N ALA B 138 -19.80 -15.43 -20.75
CA ALA B 138 -19.66 -14.07 -20.20
C ALA B 138 -19.33 -13.04 -21.26
N TRP B 139 -18.85 -13.47 -22.44
CA TRP B 139 -18.49 -12.58 -23.53
C TRP B 139 -19.74 -12.25 -24.34
N THR B 140 -20.35 -11.11 -24.05
CA THR B 140 -21.60 -10.67 -24.67
C THR B 140 -21.39 -9.77 -25.87
N LEU B 141 -20.17 -9.59 -26.32
CA LEU B 141 -19.98 -8.86 -27.56
C LEU B 141 -19.87 -9.88 -28.69
N SER B 142 -19.36 -9.45 -29.85
CA SER B 142 -19.16 -10.34 -30.98
C SER B 142 -18.37 -11.58 -30.57
N ARG B 143 -18.89 -12.74 -30.94
CA ARG B 143 -18.17 -13.97 -30.61
C ARG B 143 -16.94 -14.14 -31.48
N SER B 144 -17.03 -13.76 -32.75
CA SER B 144 -15.88 -13.93 -33.65
C SER B 144 -14.74 -13.01 -33.27
N GLN B 145 -15.07 -11.80 -32.81
CA GLN B 145 -14.02 -10.92 -32.28
C GLN B 145 -13.30 -11.57 -31.10
N ARG B 146 -14.06 -12.17 -30.17
CA ARG B 146 -13.42 -12.86 -29.04
C ARG B 146 -12.43 -13.91 -29.53
N ASN B 147 -12.84 -14.72 -30.50
CA ASN B 147 -11.95 -15.76 -31.01
C ASN B 147 -10.75 -15.16 -31.72
N SER B 148 -10.95 -14.07 -32.46
CA SER B 148 -9.80 -13.44 -33.12
C SER B 148 -8.93 -12.68 -32.14
N LEU B 149 -9.53 -12.10 -31.10
CA LEU B 149 -8.73 -11.54 -30.02
C LEU B 149 -7.86 -12.61 -29.36
N LEU B 150 -8.42 -13.80 -29.15
CA LEU B 150 -7.65 -14.87 -28.54
C LEU B 150 -6.44 -15.22 -29.39
N ASP B 151 -6.60 -15.15 -30.72
CA ASP B 151 -5.47 -15.39 -31.61
C ASP B 151 -4.49 -14.23 -31.59
N ASP B 152 -5.00 -12.99 -31.67
CA ASP B 152 -4.14 -11.81 -31.64
C ASP B 152 -3.37 -11.73 -30.32
N LEU B 153 -4.03 -12.05 -29.21
CA LEU B 153 -3.32 -12.04 -27.93
C LEU B 153 -2.09 -12.92 -27.99
N HIS B 154 -2.26 -14.16 -28.48
CA HIS B 154 -1.16 -15.11 -28.52
C HIS B 154 -0.06 -14.63 -29.44
N SER B 155 -0.41 -14.12 -30.62
CA SER B 155 0.61 -13.71 -31.57
C SER B 155 1.34 -12.45 -31.09
N ALA B 156 0.62 -11.49 -30.49
CA ALA B 156 1.29 -10.27 -30.03
C ALA B 156 2.35 -10.59 -28.98
N ILE B 157 2.04 -11.47 -28.02
CA ILE B 157 2.97 -11.73 -26.92
C ILE B 157 4.29 -12.27 -27.45
N LEU B 158 4.21 -13.07 -28.53
CA LEU B 158 5.41 -13.66 -29.10
C LEU B 158 6.33 -12.62 -29.76
N LYS B 159 5.82 -11.44 -30.07
CA LYS B 159 6.62 -10.41 -30.72
C LYS B 159 7.27 -9.45 -29.75
N TRP B 160 7.04 -9.62 -28.44
CA TRP B 160 7.48 -8.62 -27.48
C TRP B 160 8.98 -8.72 -27.24
N PRO B 161 9.72 -7.61 -27.29
CA PRO B 161 11.10 -7.62 -26.80
C PRO B 161 11.11 -7.75 -25.29
N THR B 162 12.29 -7.90 -24.74
CA THR B 162 12.42 -7.79 -23.30
C THR B 162 12.38 -6.32 -22.94
N PRO B 163 11.48 -5.87 -22.06
CA PRO B 163 11.40 -4.45 -21.73
C PRO B 163 12.66 -4.01 -21.00
N GLU B 164 12.91 -2.70 -21.04
CA GLU B 164 14.11 -2.19 -20.37
C GLU B 164 13.90 -2.02 -18.87
N CYS B 165 12.65 -1.96 -18.41
CA CYS B 165 12.32 -1.80 -17.01
C CYS B 165 11.28 -2.85 -16.61
N GLU B 166 11.16 -3.09 -15.31
CA GLU B 166 9.91 -3.64 -14.81
C GLU B 166 8.85 -2.60 -15.13
N VAL B 168 5.65 -2.66 -14.02
CA VAL B 168 4.53 -2.83 -13.11
C VAL B 168 5.08 -3.50 -11.86
N ALA B 169 4.37 -3.35 -10.74
CA ALA B 169 4.64 -4.09 -9.53
C ALA B 169 3.39 -4.87 -9.15
N TYR B 170 3.58 -6.06 -8.58
CA TYR B 170 2.48 -6.88 -8.12
C TYR B 170 2.65 -7.16 -6.63
N ARG B 171 1.54 -7.10 -5.90
CA ARG B 171 1.54 -7.43 -4.49
C ARG B 171 1.34 -8.92 -4.28
N SER B 172 0.84 -9.60 -5.29
CA SER B 172 0.40 -10.99 -5.18
C SER B 172 0.16 -11.52 -6.59
N PHE B 173 0.47 -12.80 -6.79
CA PHE B 173 0.24 -13.47 -8.04
C PHE B 173 -1.15 -14.08 -8.13
N ASN B 174 -1.95 -13.97 -7.08
CA ASN B 174 -3.26 -14.60 -7.03
C ASN B 174 -4.14 -14.33 -8.23
N PRO B 175 -4.21 -13.11 -8.80
CA PRO B 175 -5.12 -12.91 -9.94
C PRO B 175 -4.63 -13.58 -11.19
N PHE B 176 -3.36 -13.95 -11.26
CA PHE B 176 -2.82 -14.68 -12.41
C PHE B 176 -3.23 -16.14 -12.41
N PHE B 177 -3.34 -16.76 -11.23
CA PHE B 177 -3.53 -18.21 -11.15
C PHE B 177 -4.71 -18.71 -11.96
N PRO B 178 -5.91 -18.11 -11.88
CA PRO B 178 -6.97 -18.55 -12.78
C PRO B 178 -6.62 -18.48 -14.24
N LEU B 179 -5.72 -17.56 -14.63
CA LEU B 179 -5.32 -17.48 -16.04
C LEU B 179 -4.55 -18.75 -16.43
N LEU B 180 -3.64 -19.21 -15.58
CA LEU B 180 -3.07 -20.55 -15.75
C LEU B 180 -4.20 -21.57 -15.74
N GLY B 181 -4.04 -22.62 -16.54
CA GLY B 181 -5.12 -23.59 -16.55
C GLY B 181 -6.35 -23.16 -17.32
N CYS B 182 -6.24 -22.10 -18.12
CA CYS B 182 -7.22 -21.84 -19.17
C CYS B 182 -6.76 -22.53 -20.45
N PHE B 183 -6.60 -23.86 -20.37
CA PHE B 183 -6.07 -24.62 -21.51
C PHE B 183 -6.98 -24.48 -22.72
N THR B 184 -8.26 -24.28 -22.51
CA THR B 184 -9.17 -24.01 -23.63
C THR B 184 -8.65 -22.82 -24.44
N THR B 185 -8.01 -21.85 -23.80
CA THR B 185 -7.63 -20.59 -24.47
C THR B 185 -6.13 -20.29 -24.31
N PRO B 186 -5.16 -20.84 -25.10
CA PRO B 186 -3.76 -20.46 -24.87
C PRO B 186 -3.58 -18.99 -25.23
N GLY B 187 -2.52 -18.41 -24.75
CA GLY B 187 -2.44 -16.98 -24.98
C GLY B 187 -2.99 -16.23 -23.80
N VAL B 188 -4.19 -16.59 -23.34
CA VAL B 188 -4.58 -16.22 -21.99
C VAL B 188 -3.57 -16.76 -21.00
N GLN B 189 -3.20 -18.04 -21.17
CA GLN B 189 -2.15 -18.64 -20.36
C GLN B 189 -0.79 -18.05 -20.67
N LEU B 190 -0.54 -17.77 -21.95
CA LEU B 190 0.77 -17.23 -22.33
C LEU B 190 1.02 -15.87 -21.68
N TRP B 191 0.00 -15.01 -21.66
CA TRP B 191 0.18 -13.71 -21.02
C TRP B 191 0.58 -13.89 -19.56
N ALA B 192 -0.13 -14.74 -18.84
CA ALA B 192 0.14 -14.94 -17.42
C ALA B 192 1.55 -15.45 -17.15
N VAL B 193 1.99 -16.47 -17.92
CA VAL B 193 3.33 -17.00 -17.67
C VAL B 193 4.40 -16.03 -18.15
N TRP B 194 4.15 -15.34 -19.26
CA TRP B 194 5.11 -14.32 -19.70
C TRP B 194 5.22 -13.22 -18.66
N ALA B 195 4.09 -12.85 -18.06
CA ALA B 195 4.11 -11.82 -17.01
C ALA B 195 4.92 -12.30 -15.80
N GLN B 197 7.21 -14.67 -15.76
CA GLN B 197 8.62 -14.76 -16.16
C GLN B 197 9.26 -13.39 -16.16
N HIS B 198 8.53 -12.37 -16.62
CA HIS B 198 9.11 -11.03 -16.72
C HIS B 198 9.47 -10.45 -15.35
N VAL B 199 8.57 -10.55 -14.37
CA VAL B 199 8.86 -9.90 -13.09
C VAL B 199 9.84 -10.72 -12.25
N CYS B 200 9.72 -12.06 -12.26
CA CYS B 200 10.72 -12.89 -11.59
C CYS B 200 12.09 -12.68 -12.19
N SER B 201 12.15 -12.50 -13.50
CA SER B 201 13.43 -12.26 -14.18
C SER B 201 14.08 -10.99 -13.67
N LYS B 202 13.37 -9.87 -13.76
CA LYS B 202 13.99 -8.59 -13.45
C LYS B 202 14.07 -8.29 -11.95
N ASN B 203 13.31 -8.99 -11.11
CA ASN B 203 13.32 -8.73 -9.68
C ASN B 203 13.14 -10.04 -8.92
N PRO B 204 14.14 -10.91 -8.96
CA PRO B 204 13.97 -12.24 -8.34
C PRO B 204 13.86 -12.17 -6.84
N SER B 205 14.60 -11.26 -6.19
CA SER B 205 14.54 -11.18 -4.73
C SER B 205 13.12 -10.90 -4.25
N ARG B 206 12.33 -10.15 -5.01
CA ARG B 206 10.98 -9.82 -4.59
C ARG B 206 9.96 -10.86 -5.01
N TYR B 207 10.05 -11.40 -6.23
CA TYR B 207 8.94 -12.14 -6.82
C TYR B 207 9.10 -13.66 -6.75
N CYS B 208 10.33 -14.18 -6.79
CA CYS B 208 10.50 -15.65 -6.76
C CYS B 208 10.04 -16.24 -5.43
N SER B 209 10.50 -15.67 -4.32
CA SER B 209 10.04 -16.12 -3.01
C SER B 209 8.53 -16.07 -2.91
N LEU B 211 6.34 -16.08 -5.28
CA LEU B 211 5.67 -16.98 -6.21
C LEU B 211 5.57 -18.39 -5.63
N ILE B 212 6.67 -18.87 -5.05
CA ILE B 212 6.66 -20.20 -4.45
C ILE B 212 5.68 -20.26 -3.29
N GLU B 213 5.71 -19.24 -2.42
CA GLU B 213 4.88 -19.28 -1.22
C GLU B 213 3.39 -19.12 -1.52
N GLU B 214 3.02 -18.61 -2.68
CA GLU B 214 1.60 -18.52 -2.99
C GLU B 214 1.10 -19.74 -3.74
N GLY B 215 1.97 -20.70 -4.03
CA GLY B 215 1.59 -21.89 -4.74
C GLY B 215 1.88 -21.86 -6.23
N GLY B 216 2.86 -21.06 -6.65
CA GLY B 216 3.21 -21.01 -8.06
C GLY B 216 3.80 -22.30 -8.57
N LEU B 217 4.41 -23.09 -7.68
CA LEU B 217 4.94 -24.39 -8.09
C LEU B 217 3.83 -25.30 -8.58
N GLN B 218 2.87 -25.63 -7.70
CA GLN B 218 1.81 -26.55 -8.09
C GLN B 218 1.02 -26.01 -9.28
N HIS B 219 0.94 -24.69 -9.44
CA HIS B 219 0.23 -24.13 -10.58
C HIS B 219 1.04 -24.23 -11.85
N LEU B 220 2.37 -24.08 -11.75
CA LEU B 220 3.22 -24.21 -12.92
C LEU B 220 3.41 -25.68 -13.31
N TYR B 221 3.58 -26.57 -12.32
CA TYR B 221 3.69 -27.98 -12.64
C TYR B 221 2.43 -28.50 -13.31
N ASN B 222 1.26 -27.99 -12.88
CA ASN B 222 0.03 -28.46 -13.50
C ASN B 222 -0.02 -28.11 -14.98
N ILE B 223 0.66 -27.04 -15.39
CA ILE B 223 0.75 -26.73 -16.81
C ILE B 223 1.81 -27.61 -17.48
N LYS B 224 2.98 -27.71 -16.86
CA LYS B 224 4.04 -28.53 -17.45
C LYS B 224 3.58 -29.97 -17.64
N ASP B 225 3.24 -30.64 -16.55
CA ASP B 225 2.88 -32.07 -16.61
C ASP B 225 1.59 -32.31 -17.38
N HIS B 226 0.76 -31.28 -17.58
CA HIS B 226 -0.31 -31.38 -18.55
C HIS B 226 0.30 -31.59 -19.94
N GLU B 227 -0.34 -32.42 -20.76
CA GLU B 227 0.38 -32.95 -21.90
C GLU B 227 0.08 -32.26 -23.22
N HIS B 228 -1.17 -31.89 -23.50
CA HIS B 228 -1.46 -31.19 -24.75
C HIS B 228 -1.52 -29.69 -24.49
N THR B 229 -0.36 -29.13 -24.17
CA THR B 229 -0.21 -27.72 -23.84
C THR B 229 0.61 -27.01 -24.91
N ASP B 230 0.25 -25.75 -25.13
CA ASP B 230 0.90 -24.93 -26.14
C ASP B 230 2.41 -24.91 -25.90
N PRO B 231 3.22 -25.01 -26.96
CA PRO B 231 4.69 -25.09 -26.77
C PRO B 231 5.27 -23.90 -26.02
N HIS B 232 4.95 -22.68 -26.45
CA HIS B 232 5.49 -21.50 -25.79
C HIS B 232 5.04 -21.43 -24.33
N VAL B 233 3.75 -21.66 -24.07
CA VAL B 233 3.27 -21.75 -22.70
C VAL B 233 4.10 -22.75 -21.90
N GLN B 234 4.41 -23.90 -22.50
CA GLN B 234 5.22 -24.89 -21.80
C GLN B 234 6.65 -24.42 -21.61
N GLN B 235 7.24 -23.84 -22.65
CA GLN B 235 8.63 -23.41 -22.57
C GLN B 235 8.82 -22.36 -21.49
N ILE B 236 7.91 -21.40 -21.43
CA ILE B 236 8.01 -20.37 -20.40
C ILE B 236 7.75 -20.97 -19.03
N ALA B 237 6.66 -21.72 -18.89
CA ALA B 237 6.37 -22.37 -17.61
C ALA B 237 7.57 -23.18 -17.12
N VAL B 238 8.23 -23.91 -18.03
CA VAL B 238 9.40 -24.68 -17.64
C VAL B 238 10.56 -23.76 -17.30
N ALA B 239 10.70 -22.67 -18.06
CA ALA B 239 11.77 -21.71 -17.76
C ALA B 239 11.61 -21.15 -16.35
N ILE B 240 10.39 -20.78 -15.97
CA ILE B 240 10.17 -20.24 -14.63
C ILE B 240 10.40 -21.32 -13.58
N LEU B 241 9.84 -22.51 -13.80
CA LEU B 241 9.99 -23.62 -12.86
C LEU B 241 11.45 -23.90 -12.58
N ASP B 242 12.29 -23.93 -13.62
CA ASP B 242 13.70 -24.25 -13.41
C ASP B 242 14.42 -23.09 -12.73
N SER B 243 14.04 -21.84 -13.05
CA SER B 243 14.67 -20.70 -12.40
C SER B 243 14.33 -20.64 -10.92
N LEU B 244 13.14 -21.13 -10.54
CA LEU B 244 12.75 -21.06 -9.14
C LEU B 244 13.53 -22.06 -8.29
N GLU B 245 13.86 -23.23 -8.85
CA GLU B 245 14.66 -24.20 -8.10
C GLU B 245 15.99 -23.61 -7.66
N LYS B 246 16.57 -22.73 -8.46
CA LYS B 246 17.79 -22.01 -8.12
C LYS B 246 17.58 -21.10 -6.91
N HIS B 247 16.36 -21.04 -6.38
CA HIS B 247 16.03 -20.16 -5.27
C HIS B 247 15.54 -20.89 -4.02
N ILE B 248 14.69 -21.91 -4.17
CA ILE B 248 14.20 -22.61 -2.99
C ILE B 248 15.37 -23.27 -2.24
N VAL B 249 16.40 -23.69 -2.98
CA VAL B 249 17.72 -23.94 -2.43
C VAL B 249 18.70 -23.14 -3.28
N ARG B 250 19.31 -22.10 -2.69
CA ARG B 250 20.18 -21.20 -3.45
C ARG B 250 21.64 -21.65 -3.41
#